data_5X7D
#
_entry.id   5X7D
#
_cell.length_a   40.460
_cell.length_b   75.710
_cell.length_c   173.410
_cell.angle_alpha   90.00
_cell.angle_beta   90.00
_cell.angle_gamma   90.00
#
_symmetry.space_group_name_H-M   'P 21 21 21'
#
loop_
_entity.id
_entity.type
_entity.pdbx_description
1 polymer 'Chimera protein of Beta-2 adrenergic receptor and Lysozyme'
2 non-polymer '4-(2-HYDROXYETHYL)-1-PIPERAZINE ETHANESULFONIC ACID'
3 non-polymer CHOLESTEROL
4 non-polymer 4-carbamoyl-N-[(2R)-2-cyclohexyl-2-phenylacetyl]-L-phenylalanyl-3-bromo-N-methyl-L-phenylalaninamide
5 non-polymer (2S)-1-(9H-Carbazol-4-yloxy)-3-(isopropylamino)propan-2-ol
6 non-polymer 1,4-BUTANEDIOL
7 non-polymer ACETAMIDE
8 water water
#
_entity_poly.entity_id   1
_entity_poly.type   'polypeptide(L)'
_entity_poly.pdbx_seq_one_letter_code
;DYKDDDAMGQPGNGSAFLLAPNRSHAPDHDVTQQRDEVWVVGMGIVMSLIVLAIVFGNVLVITAIAKFERLQTVTNYFIT
SLACADLVMGLAVVPFGAAHILMKMWTFGNFWCEFWTSIDVLCVTASIETLCVIAVDRYFAITSPFKYQSLLTKNKARVI
ILMVWIVSGLTSFLPIQMHWYRATHQEAINCYAEETCCDFFTNQAYAIASSIVSFYVPLVIMVFVYSRVFQEAKRQLNIF
EMLRIDEGLRLKIYKDTEGYYTIGIGHLLTKSPSLNAAKSELDKAIGRNTNGVITKDEAEKLFNQDVDAAVRGILRNAKL
KPVYDSLDAVRRAALINMVFQMGETGVAGFTNSLRMLQQKRWDEAAVNLAKSRWYNQTPNRAKRVITTFRTGTWDAYKFC
LKEHKALKTLGIIMGTFTLCWLPFFIVNIVHVIQDNLIRKEVYILLNWIGYVNSGFNPLIYCRSPDFRIAFQELLCLRRS
SLKAYGNGYSSNGNTGEQSG
;
_entity_poly.pdbx_strand_id   A
#
loop_
_chem_comp.id
_chem_comp.type
_chem_comp.name
_chem_comp.formula
8VS non-polymer 4-carbamoyl-N-[(2R)-2-cyclohexyl-2-phenylacetyl]-L-phenylalanyl-3-bromo-N-methyl-L-phenylalaninamide 'C34 H39 Br N4 O4'
ACM non-polymer ACETAMIDE 'C2 H5 N O'
BU1 non-polymer 1,4-BUTANEDIOL 'C4 H10 O2'
CAU non-polymer (2S)-1-(9H-Carbazol-4-yloxy)-3-(isopropylamino)propan-2-ol 'C18 H22 N2 O2'
CLR non-polymer CHOLESTEROL 'C27 H46 O'
EPE non-polymer '4-(2-HYDROXYETHYL)-1-PIPERAZINE ETHANESULFONIC ACID' 'C8 H18 N2 O4 S'
#
# COMPACT_ATOMS: atom_id res chain seq x y z
N VAL A 38 -26.65 -31.94 9.54
CA VAL A 38 -28.05 -31.90 9.14
C VAL A 38 -28.26 -30.98 7.93
N TRP A 39 -27.56 -29.84 7.94
CA TRP A 39 -27.70 -28.82 6.88
C TRP A 39 -26.30 -28.45 6.40
N VAL A 40 -25.78 -29.22 5.43
CA VAL A 40 -24.50 -28.89 4.81
C VAL A 40 -24.65 -27.99 3.59
N VAL A 41 -25.88 -27.72 3.16
CA VAL A 41 -26.10 -26.92 1.96
C VAL A 41 -25.68 -25.47 2.19
N GLY A 42 -26.10 -24.90 3.31
CA GLY A 42 -25.70 -23.53 3.63
C GLY A 42 -24.19 -23.37 3.71
N MET A 43 -23.51 -24.31 4.36
CA MET A 43 -22.06 -24.30 4.38
C MET A 43 -21.49 -24.56 2.99
N GLY A 44 -22.15 -25.41 2.19
CA GLY A 44 -21.65 -25.69 0.86
C GLY A 44 -21.82 -24.54 -0.10
N ILE A 45 -22.94 -23.82 0.01
CA ILE A 45 -23.17 -22.66 -0.85
C ILE A 45 -22.17 -21.56 -0.53
N VAL A 46 -21.95 -21.29 0.76
CA VAL A 46 -20.98 -20.27 1.15
C VAL A 46 -19.59 -20.63 0.66
N MET A 47 -19.25 -21.92 0.66
CA MET A 47 -17.95 -22.35 0.15
C MET A 47 -17.88 -22.19 -1.37
N SER A 48 -18.99 -22.44 -2.07
CA SER A 48 -18.99 -22.29 -3.52
C SER A 48 -18.86 -20.83 -3.92
N LEU A 49 -19.46 -19.92 -3.15
CA LEU A 49 -19.31 -18.50 -3.43
C LEU A 49 -17.89 -18.02 -3.14
N ILE A 50 -17.18 -18.72 -2.25
CA ILE A 50 -15.81 -18.32 -1.93
C ILE A 50 -14.87 -18.68 -3.09
N VAL A 51 -14.99 -19.91 -3.61
CA VAL A 51 -14.16 -20.33 -4.74
C VAL A 51 -14.37 -19.40 -5.93
N LEU A 52 -15.63 -19.05 -6.21
CA LEU A 52 -15.92 -18.18 -7.34
C LEU A 52 -15.31 -16.79 -7.15
N ALA A 53 -15.39 -16.25 -5.92
CA ALA A 53 -14.84 -14.93 -5.66
C ALA A 53 -13.32 -14.91 -5.78
N ILE A 54 -12.66 -16.02 -5.45
CA ILE A 54 -11.21 -16.08 -5.54
C ILE A 54 -10.75 -16.23 -6.99
N VAL A 55 -11.41 -17.11 -7.75
CA VAL A 55 -11.00 -17.32 -9.14
C VAL A 55 -11.33 -16.10 -9.99
N PHE A 56 -12.55 -15.57 -9.85
CA PHE A 56 -12.92 -14.38 -10.61
C PHE A 56 -12.06 -13.19 -10.23
N GLY A 57 -11.91 -12.94 -8.94
CA GLY A 57 -11.21 -11.74 -8.49
C GLY A 57 -9.74 -11.73 -8.89
N ASN A 58 -9.07 -12.88 -8.82
CA ASN A 58 -7.64 -12.90 -9.08
C ASN A 58 -7.35 -12.97 -10.58
N VAL A 59 -8.17 -13.67 -11.36
CA VAL A 59 -8.03 -13.61 -12.81
C VAL A 59 -8.26 -12.19 -13.30
N LEU A 60 -9.17 -11.46 -12.64
CA LEU A 60 -9.39 -10.06 -12.98
C LEU A 60 -8.14 -9.22 -12.75
N VAL A 61 -7.42 -9.50 -11.66
CA VAL A 61 -6.21 -8.74 -11.37
C VAL A 61 -5.09 -9.11 -12.33
N ILE A 62 -4.97 -10.40 -12.65
CA ILE A 62 -3.91 -10.85 -13.54
C ILE A 62 -4.11 -10.27 -14.93
N THR A 63 -5.34 -10.30 -15.44
CA THR A 63 -5.60 -9.81 -16.79
C THR A 63 -5.38 -8.30 -16.90
N ALA A 64 -5.68 -7.56 -15.83
CA ALA A 64 -5.47 -6.11 -15.86
C ALA A 64 -4.00 -5.78 -16.03
N ILE A 65 -3.11 -6.53 -15.37
CA ILE A 65 -1.68 -6.29 -15.51
C ILE A 65 -1.18 -6.79 -16.85
N ALA A 66 -1.82 -7.81 -17.41
CA ALA A 66 -1.38 -8.35 -18.69
C ALA A 66 -1.80 -7.46 -19.87
N LYS A 67 -3.00 -6.88 -19.80
CA LYS A 67 -3.53 -6.18 -20.96
C LYS A 67 -3.05 -4.73 -21.04
N PHE A 68 -2.96 -4.05 -19.89
CA PHE A 68 -2.68 -2.62 -19.86
C PHE A 68 -1.18 -2.38 -19.73
N GLU A 69 -0.62 -1.65 -20.69
CA GLU A 69 0.81 -1.37 -20.70
C GLU A 69 1.23 -0.51 -19.51
N ARG A 70 0.35 0.36 -19.03
CA ARG A 70 0.73 1.25 -17.94
C ARG A 70 0.91 0.51 -16.63
N LEU A 71 0.23 -0.62 -16.46
CA LEU A 71 0.30 -1.39 -15.23
C LEU A 71 1.53 -2.30 -15.17
N GLN A 72 2.32 -2.39 -16.24
CA GLN A 72 3.53 -3.20 -16.23
C GLN A 72 4.61 -2.53 -15.41
N THR A 73 4.64 -2.79 -14.10
CA THR A 73 5.64 -2.21 -13.22
C THR A 73 6.16 -3.29 -12.29
N VAL A 74 7.23 -2.95 -11.56
CA VAL A 74 7.89 -3.92 -10.69
C VAL A 74 6.94 -4.41 -9.60
N THR A 75 6.20 -3.49 -8.99
CA THR A 75 5.26 -3.88 -7.94
C THR A 75 4.15 -4.77 -8.49
N ASN A 76 3.58 -4.40 -9.64
CA ASN A 76 2.50 -5.20 -10.20
C ASN A 76 2.97 -6.57 -10.69
N TYR A 77 4.26 -6.71 -11.01
CA TYR A 77 4.79 -8.04 -11.28
C TYR A 77 4.71 -8.92 -10.03
N PHE A 78 5.08 -8.37 -8.87
CA PHE A 78 4.93 -9.09 -7.62
C PHE A 78 3.47 -9.31 -7.28
N ILE A 79 2.60 -8.34 -7.63
CA ILE A 79 1.16 -8.53 -7.42
C ILE A 79 0.66 -9.72 -8.22
N THR A 80 1.18 -9.90 -9.45
CA THR A 80 0.80 -11.03 -10.27
C THR A 80 1.22 -12.35 -9.61
N SER A 81 2.45 -12.41 -9.10
CA SER A 81 2.89 -13.57 -8.34
C SER A 81 1.98 -13.81 -7.15
N LEU A 82 1.59 -12.74 -6.45
CA LEU A 82 0.66 -12.87 -5.34
C LEU A 82 -0.72 -13.29 -5.82
N ALA A 83 -1.15 -12.77 -6.98
CA ALA A 83 -2.44 -13.15 -7.53
C ALA A 83 -2.43 -14.56 -8.09
N CYS A 84 -1.29 -15.00 -8.64
CA CYS A 84 -1.19 -16.39 -9.11
C CYS A 84 -1.26 -17.37 -7.96
N ALA A 85 -0.64 -17.03 -6.82
CA ALA A 85 -0.73 -17.88 -5.64
C ALA A 85 -2.17 -18.01 -5.18
N ASP A 86 -2.93 -16.92 -5.22
CA ASP A 86 -4.34 -16.97 -4.83
C ASP A 86 -5.19 -17.69 -5.87
N LEU A 87 -4.79 -17.63 -7.14
CA LEU A 87 -5.55 -18.31 -8.18
C LEU A 87 -5.38 -19.82 -8.08
N VAL A 88 -4.15 -20.29 -7.90
CA VAL A 88 -3.91 -21.71 -7.67
C VAL A 88 -4.55 -22.15 -6.36
N MET A 89 -4.63 -21.24 -5.38
CA MET A 89 -5.35 -21.54 -4.14
C MET A 89 -6.82 -21.81 -4.41
N GLY A 90 -7.47 -20.92 -5.17
CA GLY A 90 -8.89 -21.06 -5.45
C GLY A 90 -9.24 -22.12 -6.47
N LEU A 91 -8.27 -22.59 -7.24
CA LEU A 91 -8.51 -23.61 -8.26
C LEU A 91 -8.16 -25.02 -7.76
N ALA A 92 -6.96 -25.19 -7.20
CA ALA A 92 -6.44 -26.53 -6.90
C ALA A 92 -6.42 -26.86 -5.41
N VAL A 93 -6.75 -25.91 -4.53
CA VAL A 93 -6.64 -26.16 -3.09
C VAL A 93 -7.99 -26.07 -2.42
N VAL A 94 -8.63 -24.90 -2.52
CA VAL A 94 -9.88 -24.66 -1.79
C VAL A 94 -11.00 -25.59 -2.23
N PRO A 95 -11.23 -25.83 -3.54
CA PRO A 95 -12.34 -26.74 -3.90
C PRO A 95 -12.19 -28.12 -3.32
N PHE A 96 -11.00 -28.70 -3.38
CA PHE A 96 -10.79 -30.02 -2.79
C PHE A 96 -10.85 -29.97 -1.27
N GLY A 97 -10.52 -28.82 -0.67
CA GLY A 97 -10.68 -28.67 0.76
C GLY A 97 -12.13 -28.63 1.19
N ALA A 98 -13.00 -28.06 0.35
CA ALA A 98 -14.42 -28.05 0.66
C ALA A 98 -15.03 -29.44 0.53
N ALA A 99 -14.65 -30.17 -0.52
CA ALA A 99 -15.13 -31.54 -0.67
C ALA A 99 -14.67 -32.42 0.49
N HIS A 100 -13.45 -32.19 0.98
CA HIS A 100 -12.95 -32.96 2.12
C HIS A 100 -13.79 -32.72 3.36
N ILE A 101 -14.33 -31.51 3.52
CA ILE A 101 -15.12 -31.19 4.71
C ILE A 101 -16.53 -31.75 4.58
N LEU A 102 -17.16 -31.56 3.43
CA LEU A 102 -18.55 -31.97 3.28
C LEU A 102 -18.70 -33.49 3.30
N MET A 103 -17.78 -34.20 2.66
CA MET A 103 -17.84 -35.66 2.61
C MET A 103 -17.28 -36.34 3.84
N LYS A 104 -16.61 -35.59 4.74
CA LYS A 104 -15.95 -36.13 5.92
C LYS A 104 -14.91 -37.20 5.56
N MET A 105 -14.41 -37.19 4.33
CA MET A 105 -13.42 -38.16 3.89
C MET A 105 -12.68 -37.56 2.70
N TRP A 106 -11.75 -38.35 2.15
CA TRP A 106 -10.92 -37.93 1.02
C TRP A 106 -11.12 -38.93 -0.12
N THR A 107 -11.75 -38.48 -1.20
CA THR A 107 -12.14 -39.33 -2.31
C THR A 107 -11.26 -39.16 -3.54
N PHE A 108 -10.11 -38.50 -3.42
CA PHE A 108 -9.28 -38.19 -4.57
C PHE A 108 -7.98 -38.99 -4.62
N GLY A 109 -7.78 -39.91 -3.69
CA GLY A 109 -6.60 -40.76 -3.70
C GLY A 109 -5.44 -40.16 -2.92
N ASN A 110 -4.39 -40.99 -2.76
CA ASN A 110 -3.23 -40.58 -1.99
C ASN A 110 -2.32 -39.65 -2.78
N PHE A 111 -2.19 -39.89 -4.09
CA PHE A 111 -1.28 -39.07 -4.89
C PHE A 111 -1.73 -37.62 -4.92
N TRP A 112 -3.03 -37.38 -5.15
CA TRP A 112 -3.50 -36.01 -5.23
C TRP A 112 -3.39 -35.30 -3.90
N CYS A 113 -3.47 -36.03 -2.78
CA CYS A 113 -3.44 -35.35 -1.50
C CYS A 113 -2.03 -34.95 -1.10
N GLU A 114 -1.04 -35.80 -1.36
CA GLU A 114 0.35 -35.35 -1.23
C GLU A 114 0.62 -34.15 -2.11
N PHE A 115 -0.03 -34.08 -3.28
CA PHE A 115 0.05 -32.90 -4.13
C PHE A 115 -0.81 -31.76 -3.58
N TRP A 116 -2.05 -32.05 -3.20
CA TRP A 116 -2.94 -31.02 -2.67
C TRP A 116 -2.34 -30.36 -1.44
N THR A 117 -1.68 -31.14 -0.58
CA THR A 117 -1.00 -30.54 0.57
C THR A 117 0.25 -29.80 0.15
N SER A 118 0.99 -30.33 -0.83
CA SER A 118 2.20 -29.66 -1.30
C SER A 118 1.85 -28.32 -1.96
N ILE A 119 0.77 -28.28 -2.75
CA ILE A 119 0.35 -27.03 -3.36
C ILE A 119 -0.15 -26.05 -2.30
N ASP A 120 -0.91 -26.55 -1.32
CA ASP A 120 -1.44 -25.69 -0.27
C ASP A 120 -0.30 -25.01 0.50
N VAL A 121 0.72 -25.78 0.88
CA VAL A 121 1.86 -25.19 1.56
C VAL A 121 2.66 -24.29 0.61
N LEU A 122 2.63 -24.59 -0.68
CA LEU A 122 3.39 -23.78 -1.64
C LEU A 122 2.78 -22.39 -1.80
N CYS A 123 1.45 -22.30 -1.87
CA CYS A 123 0.81 -21.01 -2.12
C CYS A 123 0.92 -20.08 -0.91
N VAL A 124 0.96 -20.64 0.30
CA VAL A 124 1.09 -19.80 1.49
C VAL A 124 2.53 -19.34 1.68
N THR A 125 3.50 -20.19 1.32
CA THR A 125 4.90 -19.79 1.43
C THR A 125 5.27 -18.76 0.38
N ALA A 126 4.85 -18.97 -0.87
CA ALA A 126 5.16 -18.02 -1.94
C ALA A 126 4.41 -16.70 -1.78
N SER A 127 3.32 -16.67 -1.01
CA SER A 127 2.61 -15.42 -0.77
C SER A 127 3.34 -14.55 0.23
N ILE A 128 3.74 -15.12 1.37
CA ILE A 128 4.40 -14.32 2.40
C ILE A 128 5.79 -13.89 1.95
N GLU A 129 6.47 -14.71 1.14
CA GLU A 129 7.78 -14.30 0.64
C GLU A 129 7.66 -13.20 -0.40
N THR A 130 6.61 -13.24 -1.22
CA THR A 130 6.37 -12.15 -2.15
C THR A 130 6.12 -10.85 -1.41
N LEU A 131 5.26 -10.89 -0.38
CA LEU A 131 5.01 -9.72 0.43
C LEU A 131 6.29 -9.21 1.08
N CYS A 132 7.14 -10.13 1.53
CA CYS A 132 8.43 -9.73 2.10
C CYS A 132 9.30 -9.08 1.04
N VAL A 133 9.26 -9.57 -0.20
CA VAL A 133 10.02 -8.97 -1.27
C VAL A 133 9.47 -7.59 -1.63
N ILE A 134 8.15 -7.43 -1.55
CA ILE A 134 7.55 -6.13 -1.84
C ILE A 134 7.96 -5.10 -0.80
N ALA A 135 7.91 -5.47 0.49
CA ALA A 135 8.30 -4.55 1.54
C ALA A 135 9.75 -4.14 1.43
N VAL A 136 10.64 -5.10 1.12
CA VAL A 136 12.04 -4.78 0.94
C VAL A 136 12.25 -3.94 -0.32
N ASP A 137 11.53 -4.26 -1.40
CA ASP A 137 11.63 -3.47 -2.62
C ASP A 137 11.11 -2.06 -2.41
N ARG A 138 10.03 -1.91 -1.65
CA ARG A 138 9.53 -0.57 -1.35
C ARG A 138 10.45 0.19 -0.42
N TYR A 139 11.24 -0.52 0.40
CA TYR A 139 12.20 0.16 1.27
C TYR A 139 13.30 0.82 0.46
N PHE A 140 13.90 0.09 -0.48
CA PHE A 140 14.96 0.65 -1.29
C PHE A 140 14.45 1.74 -2.23
N ALA A 141 13.16 1.73 -2.55
CA ALA A 141 12.60 2.78 -3.40
C ALA A 141 12.53 4.11 -2.66
N ILE A 142 12.16 4.08 -1.38
CA ILE A 142 11.98 5.32 -0.62
C ILE A 142 13.27 5.81 0.02
N THR A 143 14.29 4.96 0.14
CA THR A 143 15.60 5.41 0.59
C THR A 143 16.51 5.84 -0.55
N SER A 144 16.07 5.66 -1.79
CA SER A 144 16.80 6.10 -2.97
C SER A 144 16.39 7.53 -3.33
N PRO A 145 17.23 8.23 -4.09
CA PRO A 145 16.80 9.54 -4.60
C PRO A 145 15.57 9.47 -5.47
N PHE A 146 15.43 8.39 -6.26
CA PHE A 146 14.21 8.14 -7.01
C PHE A 146 13.16 7.64 -6.03
N LYS A 147 12.56 8.59 -5.31
CA LYS A 147 11.56 8.24 -4.31
C LYS A 147 10.35 7.58 -4.97
N TYR A 148 9.88 6.50 -4.34
CA TYR A 148 8.72 5.72 -4.75
C TYR A 148 8.95 4.90 -6.02
N GLN A 149 10.17 4.86 -6.53
CA GLN A 149 10.48 4.11 -7.75
C GLN A 149 11.50 3.03 -7.44
N SER A 150 11.27 1.85 -7.98
CA SER A 150 12.09 0.68 -7.65
C SER A 150 13.49 0.79 -8.24
N LEU A 151 14.45 0.19 -7.56
CA LEU A 151 15.82 0.07 -8.04
C LEU A 151 16.03 -1.18 -8.90
N LEU A 152 14.98 -1.96 -9.12
CA LEU A 152 15.05 -3.18 -9.92
C LEU A 152 14.50 -2.92 -11.31
N THR A 153 15.08 -3.60 -12.30
CA THR A 153 14.49 -3.62 -13.63
C THR A 153 13.38 -4.66 -13.69
N LYS A 154 12.58 -4.58 -14.75
CA LYS A 154 11.48 -5.54 -14.89
C LYS A 154 11.97 -6.95 -15.15
N ASN A 155 13.20 -7.12 -15.67
CA ASN A 155 13.75 -8.45 -15.85
C ASN A 155 14.26 -9.04 -14.54
N LYS A 156 14.84 -8.21 -13.67
CA LYS A 156 15.24 -8.67 -12.35
C LYS A 156 14.05 -9.07 -11.51
N ALA A 157 12.92 -8.37 -11.66
CA ALA A 157 11.73 -8.72 -10.90
C ALA A 157 11.25 -10.12 -11.27
N ARG A 158 11.34 -10.48 -12.55
CA ARG A 158 11.00 -11.84 -12.95
C ARG A 158 11.96 -12.87 -12.38
N VAL A 159 13.24 -12.50 -12.23
CA VAL A 159 14.22 -13.41 -11.66
C VAL A 159 13.93 -13.65 -10.19
N ILE A 160 13.57 -12.59 -9.45
CA ILE A 160 13.24 -12.75 -8.03
C ILE A 160 12.00 -13.61 -7.88
N ILE A 161 11.00 -13.42 -8.73
CA ILE A 161 9.76 -14.19 -8.63
C ILE A 161 10.02 -15.66 -8.90
N LEU A 162 10.83 -15.98 -9.91
CA LEU A 162 11.19 -17.37 -10.17
C LEU A 162 11.95 -17.97 -8.99
N MET A 163 12.91 -17.22 -8.44
CA MET A 163 13.65 -17.71 -7.28
C MET A 163 12.72 -17.90 -6.08
N VAL A 164 11.74 -17.02 -5.92
CA VAL A 164 10.79 -17.17 -4.81
C VAL A 164 10.04 -18.48 -4.93
N TRP A 165 9.50 -18.77 -6.13
CA TRP A 165 8.79 -20.02 -6.31
C TRP A 165 9.72 -21.23 -6.28
N ILE A 166 10.97 -21.06 -6.72
CA ILE A 166 11.93 -22.15 -6.67
C ILE A 166 12.27 -22.49 -5.22
N VAL A 167 12.60 -21.47 -4.42
CA VAL A 167 12.89 -21.71 -3.01
C VAL A 167 11.64 -22.19 -2.28
N SER A 168 10.49 -21.58 -2.57
CA SER A 168 9.24 -22.04 -1.97
C SER A 168 8.89 -23.45 -2.43
N GLY A 169 9.24 -23.81 -3.66
CA GLY A 169 8.99 -25.16 -4.13
C GLY A 169 9.78 -26.21 -3.37
N LEU A 170 11.04 -25.91 -3.07
CA LEU A 170 11.85 -26.83 -2.27
C LEU A 170 11.33 -26.91 -0.85
N THR A 171 10.93 -25.78 -0.27
CA THR A 171 10.44 -25.77 1.10
C THR A 171 9.11 -26.51 1.24
N SER A 172 8.27 -26.44 0.22
CA SER A 172 6.94 -27.04 0.28
C SER A 172 6.90 -28.48 -0.22
N PHE A 173 7.59 -28.78 -1.32
CA PHE A 173 7.49 -30.11 -1.92
C PHE A 173 8.49 -31.10 -1.35
N LEU A 174 9.74 -30.68 -1.12
CA LEU A 174 10.76 -31.61 -0.66
C LEU A 174 10.41 -32.25 0.68
N PRO A 175 9.98 -31.51 1.71
CA PRO A 175 9.58 -32.20 2.95
C PRO A 175 8.36 -33.11 2.78
N ILE A 176 7.40 -32.72 1.94
CA ILE A 176 6.18 -33.50 1.80
C ILE A 176 6.42 -34.76 0.96
N GLN A 177 7.09 -34.60 -0.18
CA GLN A 177 7.30 -35.74 -1.07
C GLN A 177 8.30 -36.73 -0.52
N MET A 178 9.31 -36.26 0.21
CA MET A 178 10.27 -37.13 0.87
C MET A 178 9.78 -37.62 2.24
N HIS A 179 8.57 -37.24 2.64
CA HIS A 179 7.94 -37.73 3.88
C HIS A 179 8.76 -37.35 5.10
N TRP A 180 9.32 -36.14 5.10
CA TRP A 180 10.01 -35.62 6.28
C TRP A 180 9.04 -35.07 7.32
N TYR A 181 7.76 -34.98 7.00
CA TYR A 181 6.76 -34.45 7.91
C TYR A 181 6.11 -35.52 8.78
N ARG A 182 6.05 -36.76 8.29
CA ARG A 182 5.19 -37.78 8.88
C ARG A 182 5.51 -38.00 10.36
N ALA A 183 4.45 -38.19 11.14
CA ALA A 183 4.57 -38.54 12.55
C ALA A 183 4.72 -40.05 12.69
N THR A 184 4.99 -40.49 13.93
CA THR A 184 5.26 -41.88 14.22
C THR A 184 4.16 -42.57 15.01
N HIS A 185 3.20 -41.84 15.57
CA HIS A 185 2.19 -42.47 16.38
C HIS A 185 1.19 -43.23 15.51
N GLN A 186 0.29 -43.97 16.17
CA GLN A 186 -0.57 -44.91 15.47
C GLN A 186 -1.67 -44.22 14.68
N GLU A 187 -2.29 -43.18 15.24
CA GLU A 187 -3.38 -42.51 14.54
C GLU A 187 -2.91 -41.86 13.24
N ALA A 188 -1.63 -41.49 13.17
CA ALA A 188 -1.10 -40.91 11.94
C ALA A 188 -0.78 -41.98 10.91
N ILE A 189 -0.22 -43.11 11.34
CA ILE A 189 0.10 -44.18 10.39
C ILE A 189 -1.16 -44.79 9.81
N ASN A 190 -2.24 -44.83 10.58
CA ASN A 190 -3.50 -45.33 10.06
C ASN A 190 -4.04 -44.44 8.94
N CYS A 191 -3.77 -43.13 9.02
CA CYS A 191 -4.24 -42.21 8.00
C CYS A 191 -3.37 -42.23 6.75
N TYR A 192 -2.08 -42.58 6.90
CA TYR A 192 -1.20 -42.65 5.74
C TYR A 192 -1.49 -43.89 4.91
N ALA A 193 -1.72 -45.03 5.56
CA ALA A 193 -1.98 -46.28 4.85
C ALA A 193 -3.40 -46.35 4.27
N GLU A 194 -4.30 -45.49 4.74
CA GLU A 194 -5.67 -45.44 4.23
C GLU A 194 -5.78 -44.33 3.18
N GLU A 195 -6.32 -44.68 2.02
CA GLU A 195 -6.48 -43.72 0.94
C GLU A 195 -7.62 -42.74 1.18
N THR A 196 -8.60 -43.10 2.00
CA THR A 196 -9.75 -42.23 2.27
C THR A 196 -9.51 -41.28 3.43
N CYS A 197 -8.37 -41.35 4.09
CA CYS A 197 -8.00 -40.42 5.15
C CYS A 197 -6.82 -39.58 4.69
N CYS A 198 -6.96 -38.26 4.75
CA CYS A 198 -5.86 -37.36 4.45
C CYS A 198 -5.81 -36.21 5.45
N ASP A 199 -5.82 -36.53 6.74
CA ASP A 199 -5.53 -35.52 7.75
C ASP A 199 -4.04 -35.24 7.77
N PHE A 200 -3.68 -33.96 7.92
CA PHE A 200 -2.30 -33.53 7.84
C PHE A 200 -1.64 -33.72 9.20
N PHE A 201 -1.11 -34.91 9.43
CA PHE A 201 -0.36 -35.22 10.63
C PHE A 201 1.13 -34.99 10.37
N THR A 202 1.76 -34.17 11.21
CA THR A 202 3.18 -33.90 11.12
C THR A 202 3.84 -34.13 12.47
N ASN A 203 5.12 -34.46 12.44
CA ASN A 203 5.88 -34.54 13.67
C ASN A 203 6.16 -33.14 14.21
N GLN A 204 6.53 -33.08 15.49
CA GLN A 204 6.69 -31.79 16.15
C GLN A 204 7.84 -30.98 15.56
N ALA A 205 8.89 -31.66 15.08
CA ALA A 205 10.01 -30.94 14.48
C ALA A 205 9.59 -30.22 13.21
N TYR A 206 8.74 -30.84 12.39
CA TYR A 206 8.29 -30.21 11.16
C TYR A 206 7.38 -29.02 11.45
N ALA A 207 6.40 -29.20 12.34
CA ALA A 207 5.47 -28.12 12.64
C ALA A 207 6.19 -26.93 13.25
N ILE A 208 7.31 -27.15 13.94
CA ILE A 208 8.10 -26.04 14.48
C ILE A 208 8.96 -25.42 13.38
N ALA A 209 9.74 -26.24 12.68
CA ALA A 209 10.68 -25.73 11.70
C ALA A 209 9.96 -25.15 10.47
N SER A 210 8.98 -25.88 9.94
CA SER A 210 8.32 -25.42 8.72
C SER A 210 7.54 -24.14 8.96
N SER A 211 6.94 -23.97 10.14
CA SER A 211 6.24 -22.74 10.44
C SER A 211 7.19 -21.56 10.54
N ILE A 212 8.40 -21.79 11.06
CA ILE A 212 9.35 -20.70 11.26
C ILE A 212 10.01 -20.32 9.95
N VAL A 213 10.49 -21.31 9.20
CA VAL A 213 11.25 -21.01 7.98
C VAL A 213 10.34 -20.50 6.87
N SER A 214 9.09 -20.97 6.83
CA SER A 214 8.20 -20.61 5.73
C SER A 214 7.38 -19.37 6.02
N PHE A 215 6.83 -19.24 7.24
CA PHE A 215 5.91 -18.17 7.57
C PHE A 215 6.50 -17.13 8.51
N TYR A 216 7.00 -17.55 9.67
CA TYR A 216 7.36 -16.59 10.71
C TYR A 216 8.54 -15.71 10.29
N VAL A 217 9.60 -16.31 9.73
CA VAL A 217 10.77 -15.53 9.33
C VAL A 217 10.42 -14.49 8.27
N PRO A 218 9.78 -14.83 7.14
CA PRO A 218 9.40 -13.77 6.19
C PRO A 218 8.38 -12.80 6.75
N LEU A 219 7.54 -13.24 7.70
CA LEU A 219 6.55 -12.34 8.28
C LEU A 219 7.20 -11.27 9.15
N VAL A 220 8.11 -11.67 10.03
CA VAL A 220 8.76 -10.70 10.93
C VAL A 220 9.60 -9.71 10.14
N ILE A 221 10.28 -10.19 9.09
CA ILE A 221 11.04 -9.28 8.24
C ILE A 221 10.10 -8.33 7.50
N MET A 222 8.98 -8.85 7.00
CA MET A 222 8.02 -8.01 6.28
C MET A 222 7.46 -6.92 7.19
N VAL A 223 7.01 -7.31 8.39
CA VAL A 223 6.43 -6.33 9.31
C VAL A 223 7.46 -5.29 9.72
N PHE A 224 8.70 -5.73 9.97
CA PHE A 224 9.73 -4.80 10.40
C PHE A 224 10.15 -3.87 9.27
N VAL A 225 10.44 -4.43 8.09
CA VAL A 225 10.93 -3.61 6.99
C VAL A 225 9.85 -2.62 6.55
N TYR A 226 8.61 -3.08 6.39
CA TYR A 226 7.55 -2.18 5.95
C TYR A 226 7.14 -1.19 7.03
N SER A 227 7.40 -1.51 8.31
CA SER A 227 7.26 -0.50 9.35
C SER A 227 8.22 0.66 9.12
N ARG A 228 9.39 0.38 8.54
CA ARG A 228 10.35 1.43 8.24
C ARG A 228 9.96 2.24 7.01
N VAL A 229 9.23 1.63 6.06
CA VAL A 229 8.77 2.37 4.90
C VAL A 229 7.76 3.44 5.30
N PHE A 230 6.86 3.12 6.23
CA PHE A 230 5.92 4.12 6.72
C PHE A 230 6.63 5.23 7.48
N GLN A 231 7.70 4.89 8.20
CA GLN A 231 8.46 5.92 8.90
C GLN A 231 9.17 6.85 7.93
N GLU A 232 9.81 6.28 6.90
CA GLU A 232 10.53 7.11 5.93
C GLU A 232 9.59 7.99 5.14
N ALA A 233 8.42 7.48 4.76
CA ALA A 233 7.44 8.28 4.03
C ALA A 233 7.04 9.50 4.84
N LYS A 234 6.80 9.32 6.15
CA LYS A 234 6.46 10.45 7.00
C LYS A 234 7.66 11.34 7.25
N ARG A 235 8.83 10.74 7.52
CA ARG A 235 10.02 11.52 7.81
C ARG A 235 10.49 12.29 6.59
N GLN A 236 10.50 11.63 5.42
CA GLN A 236 10.91 12.29 4.19
C GLN A 236 9.82 13.15 3.58
N LEU A 237 8.71 13.38 4.30
CA LEU A 237 7.68 14.27 3.79
C LEU A 237 8.28 15.66 3.59
N ASN A 238 7.84 16.32 2.52
CA ASN A 238 8.56 17.44 1.95
C ASN A 238 7.57 18.58 1.67
N ILE A 239 8.10 19.80 1.64
CA ILE A 239 7.24 20.93 1.29
C ILE A 239 6.79 20.85 -0.16
N PHE A 240 7.63 20.29 -1.03
CA PHE A 240 7.21 20.10 -2.42
C PHE A 240 6.06 19.10 -2.52
N GLU A 241 6.11 18.05 -1.70
CA GLU A 241 4.97 17.13 -1.62
C GLU A 241 3.84 17.73 -0.80
N MET A 242 4.15 18.64 0.13
CA MET A 242 3.11 19.30 0.91
C MET A 242 2.28 20.23 0.04
N LEU A 243 2.94 21.01 -0.83
CA LEU A 243 2.20 21.90 -1.73
C LEU A 243 1.51 21.12 -2.84
N ARG A 244 2.07 19.97 -3.23
CA ARG A 244 1.41 19.13 -4.22
C ARG A 244 0.08 18.60 -3.69
N ILE A 245 0.03 18.33 -2.38
CA ILE A 245 -1.17 17.70 -1.80
C ILE A 245 -2.35 18.67 -1.82
N ASP A 246 -2.17 19.86 -1.24
CA ASP A 246 -3.28 20.77 -1.04
C ASP A 246 -3.47 21.77 -2.17
N GLU A 247 -2.82 21.54 -3.32
CA GLU A 247 -3.08 22.35 -4.49
C GLU A 247 -3.16 21.56 -5.79
N GLY A 248 -2.95 20.23 -5.75
CA GLY A 248 -3.07 19.39 -6.91
C GLY A 248 -2.13 19.76 -8.05
N LEU A 249 -2.35 19.07 -9.17
CA LEU A 249 -1.59 19.31 -10.38
C LEU A 249 -2.54 19.30 -11.58
N ARG A 250 -2.56 20.40 -12.32
CA ARG A 250 -3.28 20.48 -13.58
C ARG A 250 -2.32 21.03 -14.62
N LEU A 251 -2.03 20.24 -15.65
CA LEU A 251 -1.19 20.71 -16.74
C LEU A 251 -1.98 21.41 -17.84
N LYS A 252 -3.24 21.74 -17.58
CA LYS A 252 -4.04 22.58 -18.46
C LYS A 252 -4.61 23.73 -17.63
N ILE A 253 -4.89 24.85 -18.29
CA ILE A 253 -5.31 26.06 -17.58
C ILE A 253 -6.67 25.85 -16.95
N TYR A 254 -6.79 26.22 -15.68
CA TYR A 254 -8.04 26.10 -14.92
C TYR A 254 -8.24 27.36 -14.09
N LYS A 255 -9.37 27.43 -13.39
CA LYS A 255 -9.70 28.53 -12.52
C LYS A 255 -9.71 28.06 -11.06
N ASP A 256 -9.06 28.82 -10.20
CA ASP A 256 -8.93 28.47 -8.79
C ASP A 256 -10.19 28.89 -8.04
N THR A 257 -10.14 28.84 -6.70
CA THR A 257 -11.30 29.18 -5.89
C THR A 257 -11.69 30.65 -6.06
N GLU A 258 -10.73 31.50 -6.42
CA GLU A 258 -10.99 32.92 -6.63
C GLU A 258 -11.40 33.22 -8.07
N GLY A 259 -11.42 32.22 -8.96
CA GLY A 259 -11.75 32.43 -10.35
C GLY A 259 -10.58 32.81 -11.23
N TYR A 260 -9.40 33.05 -10.65
CA TYR A 260 -8.26 33.46 -11.44
C TYR A 260 -7.67 32.27 -12.20
N TYR A 261 -7.09 32.57 -13.37
CA TYR A 261 -6.52 31.52 -14.19
C TYR A 261 -5.24 30.98 -13.55
N THR A 262 -5.12 29.65 -13.51
CA THR A 262 -4.01 28.99 -12.85
C THR A 262 -3.64 27.75 -13.65
N ILE A 263 -2.37 27.35 -13.57
CA ILE A 263 -1.86 26.15 -14.23
C ILE A 263 -0.77 25.54 -13.35
N GLY A 264 -0.40 24.30 -13.65
CA GLY A 264 0.67 23.65 -12.91
C GLY A 264 0.23 23.32 -11.49
N ILE A 265 1.13 23.55 -10.55
CA ILE A 265 0.83 23.37 -9.12
C ILE A 265 0.58 24.77 -8.56
N GLY A 266 -0.68 25.20 -8.63
CA GLY A 266 -1.07 26.49 -8.08
C GLY A 266 -0.27 27.68 -8.57
N HIS A 267 0.10 27.70 -9.84
CA HIS A 267 0.89 28.81 -10.39
C HIS A 267 -0.07 29.82 -11.02
N LEU A 268 -0.22 30.96 -10.36
CA LEU A 268 -1.13 32.00 -10.84
C LEU A 268 -0.58 32.65 -12.10
N LEU A 269 -1.37 32.61 -13.17
CA LEU A 269 -0.96 33.23 -14.44
C LEU A 269 -1.27 34.72 -14.44
N THR A 270 -2.51 35.09 -14.15
CA THR A 270 -2.92 36.49 -14.12
C THR A 270 -4.25 36.59 -13.39
N LYS A 271 -4.54 37.79 -12.90
CA LYS A 271 -5.83 38.09 -12.30
C LYS A 271 -6.80 38.70 -13.30
N SER A 272 -6.41 38.82 -14.56
CA SER A 272 -7.28 39.37 -15.59
C SER A 272 -8.25 38.31 -16.10
N PRO A 273 -9.49 38.68 -16.41
CA PRO A 273 -10.46 37.70 -16.94
C PRO A 273 -10.12 37.21 -18.35
N SER A 274 -9.15 37.82 -19.02
CA SER A 274 -8.82 37.41 -20.38
C SER A 274 -8.05 36.09 -20.37
N LEU A 275 -8.41 35.20 -21.31
CA LEU A 275 -7.72 33.93 -21.44
C LEU A 275 -6.44 34.06 -22.26
N ASN A 276 -6.42 34.94 -23.26
CA ASN A 276 -5.17 35.22 -23.97
C ASN A 276 -4.13 35.83 -23.05
N ALA A 277 -4.56 36.61 -22.06
CA ALA A 277 -3.62 37.17 -21.09
C ALA A 277 -2.95 36.08 -20.28
N ALA A 278 -3.73 35.10 -19.82
CA ALA A 278 -3.15 33.96 -19.10
C ALA A 278 -2.29 33.12 -20.03
N LYS A 279 -2.70 32.97 -21.30
CA LYS A 279 -1.89 32.23 -22.25
C LYS A 279 -0.62 32.98 -22.61
N SER A 280 -0.70 34.31 -22.71
CA SER A 280 0.48 35.09 -23.05
C SER A 280 1.49 35.11 -21.91
N GLU A 281 1.01 35.21 -20.66
CA GLU A 281 1.89 35.13 -19.52
C GLU A 281 2.44 33.73 -19.31
N LEU A 282 1.73 32.72 -19.78
CA LEU A 282 2.25 31.34 -19.70
C LEU A 282 3.40 31.14 -20.67
N ASP A 283 3.33 31.78 -21.85
CA ASP A 283 4.40 31.63 -22.83
C ASP A 283 5.69 32.30 -22.36
N LYS A 284 5.57 33.43 -21.65
CA LYS A 284 6.75 34.12 -21.15
C LYS A 284 7.47 33.32 -20.08
N ALA A 285 6.72 32.55 -19.27
CA ALA A 285 7.33 31.78 -18.21
C ALA A 285 7.99 30.51 -18.73
N ILE A 286 7.34 29.84 -19.68
CA ILE A 286 7.90 28.62 -20.25
C ILE A 286 8.87 28.91 -21.40
N GLY A 287 8.62 29.97 -22.17
CA GLY A 287 9.43 30.24 -23.34
C GLY A 287 8.96 29.52 -24.59
N ARG A 288 7.66 29.32 -24.75
CA ARG A 288 7.13 28.52 -25.83
C ARG A 288 5.64 28.80 -25.97
N ASN A 289 5.16 28.80 -27.21
CA ASN A 289 3.72 28.89 -27.47
C ASN A 289 3.06 27.59 -27.01
N THR A 290 2.32 27.65 -25.90
CA THR A 290 1.81 26.46 -25.25
C THR A 290 0.35 26.16 -25.56
N ASN A 291 -0.41 27.16 -26.04
CA ASN A 291 -1.87 27.02 -26.21
C ASN A 291 -2.53 26.59 -24.90
N GLY A 292 -1.96 27.00 -23.77
CA GLY A 292 -2.51 26.66 -22.48
C GLY A 292 -2.33 25.22 -22.05
N VAL A 293 -1.30 24.54 -22.57
CA VAL A 293 -1.03 23.15 -22.22
C VAL A 293 0.48 22.99 -22.07
N ILE A 294 0.90 22.48 -20.90
CA ILE A 294 2.30 22.18 -20.63
C ILE A 294 2.41 20.74 -20.17
N THR A 295 3.65 20.25 -20.12
CA THR A 295 3.94 18.91 -19.65
C THR A 295 4.37 18.96 -18.18
N LYS A 296 4.48 17.78 -17.58
CA LYS A 296 4.88 17.70 -16.18
C LYS A 296 6.33 18.12 -15.99
N ASP A 297 7.18 17.89 -17.01
CA ASP A 297 8.59 18.25 -16.90
C ASP A 297 8.76 19.75 -16.73
N GLU A 298 7.95 20.54 -17.43
CA GLU A 298 7.98 22.00 -17.32
C GLU A 298 7.01 22.53 -16.27
N ALA A 299 6.07 21.72 -15.80
CA ALA A 299 5.19 22.16 -14.72
C ALA A 299 5.92 22.18 -13.39
N GLU A 300 6.83 21.23 -13.18
CA GLU A 300 7.60 21.21 -11.93
C GLU A 300 8.68 22.28 -11.92
N LYS A 301 9.20 22.65 -13.10
CA LYS A 301 10.18 23.73 -13.16
C LYS A 301 9.56 25.05 -12.71
N LEU A 302 8.30 25.30 -13.08
CA LEU A 302 7.60 26.46 -12.54
C LEU A 302 7.37 26.31 -11.04
N PHE A 303 7.01 25.10 -10.60
CA PHE A 303 6.77 24.86 -9.19
C PHE A 303 8.04 25.08 -8.36
N ASN A 304 9.19 24.61 -8.86
CA ASN A 304 10.45 24.86 -8.16
C ASN A 304 10.80 26.34 -8.14
N GLN A 305 10.43 27.08 -9.19
CA GLN A 305 10.68 28.52 -9.19
C GLN A 305 9.82 29.23 -8.16
N ASP A 306 8.53 28.86 -8.06
CA ASP A 306 7.63 29.56 -7.16
C ASP A 306 7.97 29.29 -5.70
N VAL A 307 8.35 28.04 -5.37
CA VAL A 307 8.75 27.73 -3.99
C VAL A 307 9.97 28.55 -3.61
N ASP A 308 10.97 28.62 -4.49
CA ASP A 308 12.14 29.44 -4.20
C ASP A 308 11.77 30.92 -4.11
N ALA A 309 10.81 31.36 -4.92
CA ALA A 309 10.36 32.75 -4.83
C ALA A 309 9.69 33.04 -3.50
N ALA A 310 8.92 32.07 -2.98
CA ALA A 310 8.28 32.25 -1.68
C ALA A 310 9.32 32.27 -0.57
N VAL A 311 10.32 31.39 -0.64
CA VAL A 311 11.39 31.38 0.36
C VAL A 311 12.20 32.66 0.26
N ARG A 312 12.55 33.08 -0.95
CA ARG A 312 13.31 34.31 -1.12
C ARG A 312 12.52 35.53 -0.66
N GLY A 313 11.19 35.46 -0.72
CA GLY A 313 10.39 36.54 -0.21
C GLY A 313 10.22 36.52 1.30
N ILE A 314 10.34 35.34 1.91
CA ILE A 314 10.29 35.25 3.37
C ILE A 314 11.56 35.86 3.98
N LEU A 315 12.71 35.65 3.34
CA LEU A 315 13.96 36.16 3.88
C LEU A 315 14.08 37.68 3.69
N ARG A 316 13.54 38.21 2.60
CA ARG A 316 13.64 39.65 2.34
C ARG A 316 12.68 40.45 3.21
N ASN A 317 11.48 39.91 3.45
CA ASN A 317 10.50 40.61 4.28
C ASN A 317 11.01 40.74 5.71
N ALA A 318 10.96 41.95 6.24
CA ALA A 318 11.50 42.19 7.58
C ALA A 318 10.68 41.51 8.66
N LYS A 319 9.37 41.37 8.45
CA LYS A 319 8.52 40.79 9.48
C LYS A 319 8.58 39.27 9.49
N LEU A 320 8.71 38.64 8.32
CA LEU A 320 8.74 37.19 8.24
C LEU A 320 10.12 36.61 8.54
N LYS A 321 11.19 37.40 8.39
CA LYS A 321 12.53 36.88 8.57
C LYS A 321 12.78 36.31 9.97
N PRO A 322 12.45 37.01 11.07
CA PRO A 322 12.73 36.42 12.39
C PRO A 322 11.92 35.17 12.68
N VAL A 323 10.68 35.10 12.22
CA VAL A 323 9.86 33.93 12.47
C VAL A 323 10.41 32.70 11.75
N TYR A 324 10.87 32.88 10.51
CA TYR A 324 11.38 31.75 9.73
C TYR A 324 12.64 31.18 10.36
N ASP A 325 13.52 32.03 10.90
CA ASP A 325 14.74 31.55 11.52
C ASP A 325 14.47 30.91 12.88
N SER A 326 13.30 31.14 13.46
CA SER A 326 12.94 30.60 14.76
C SER A 326 12.11 29.33 14.65
N LEU A 327 12.08 28.70 13.48
CA LEU A 327 11.24 27.54 13.23
C LEU A 327 12.09 26.35 12.79
N ASP A 328 11.60 25.16 13.09
CA ASP A 328 12.21 23.92 12.62
C ASP A 328 11.81 23.66 11.17
N ALA A 329 12.35 22.60 10.59
CA ALA A 329 12.14 22.33 9.17
C ALA A 329 10.67 22.10 8.84
N VAL A 330 9.90 21.55 9.78
CA VAL A 330 8.50 21.27 9.52
C VAL A 330 7.68 22.56 9.53
N ARG A 331 7.82 23.36 10.59
CA ARG A 331 7.09 24.62 10.66
C ARG A 331 7.63 25.66 9.67
N ARG A 332 8.88 25.53 9.24
CA ARG A 332 9.34 26.33 8.11
C ARG A 332 8.53 26.03 6.86
N ALA A 333 8.21 24.75 6.63
CA ALA A 333 7.46 24.36 5.45
C ALA A 333 6.03 24.90 5.48
N ALA A 334 5.42 24.95 6.67
CA ALA A 334 4.07 25.51 6.77
C ALA A 334 4.06 27.01 6.51
N LEU A 335 5.11 27.72 6.91
CA LEU A 335 5.18 29.15 6.64
C LEU A 335 5.33 29.44 5.16
N ILE A 336 6.18 28.66 4.47
CA ILE A 336 6.30 28.81 3.03
C ILE A 336 5.00 28.42 2.33
N ASN A 337 4.24 27.48 2.91
CA ASN A 337 2.95 27.11 2.34
C ASN A 337 2.00 28.30 2.31
N MET A 338 1.96 29.08 3.38
CA MET A 338 1.09 30.26 3.41
C MET A 338 1.56 31.31 2.42
N VAL A 339 2.87 31.60 2.41
CA VAL A 339 3.41 32.58 1.48
C VAL A 339 3.18 32.16 0.04
N PHE A 340 3.27 30.86 -0.23
CA PHE A 340 2.98 30.34 -1.56
C PHE A 340 1.55 30.68 -1.98
N GLN A 341 0.62 30.63 -1.03
CA GLN A 341 -0.80 30.82 -1.33
C GLN A 341 -1.23 32.28 -1.30
N MET A 342 -0.75 33.06 -0.32
CA MET A 342 -1.24 34.42 -0.11
C MET A 342 -0.22 35.50 -0.41
N GLY A 343 1.03 35.15 -0.68
CA GLY A 343 2.05 36.14 -0.95
C GLY A 343 2.72 36.63 0.32
N GLU A 344 3.91 37.22 0.14
CA GLU A 344 4.72 37.65 1.27
C GLU A 344 4.02 38.75 2.06
N THR A 345 3.41 39.72 1.36
CA THR A 345 2.76 40.83 2.05
C THR A 345 1.53 40.36 2.83
N GLY A 346 0.81 39.38 2.30
CA GLY A 346 -0.39 38.91 2.98
C GLY A 346 -0.09 38.14 4.25
N VAL A 347 0.99 37.36 4.24
CA VAL A 347 1.33 36.54 5.41
C VAL A 347 1.85 37.43 6.54
N ALA A 348 2.50 38.54 6.22
CA ALA A 348 2.97 39.47 7.24
C ALA A 348 1.83 40.15 7.98
N GLY A 349 0.59 40.03 7.49
CA GLY A 349 -0.52 40.68 8.15
C GLY A 349 -0.91 40.05 9.47
N PHE A 350 -0.62 38.75 9.64
CA PHE A 350 -0.93 38.04 10.88
C PHE A 350 0.05 38.48 11.96
N THR A 351 -0.18 39.69 12.48
CA THR A 351 0.76 40.30 13.41
C THR A 351 0.90 39.48 14.68
N ASN A 352 -0.24 39.14 15.31
CA ASN A 352 -0.18 38.38 16.56
C ASN A 352 0.35 36.97 16.34
N SER A 353 -0.11 36.31 15.28
CA SER A 353 0.30 34.93 15.03
C SER A 353 1.80 34.82 14.79
N LEU A 354 2.41 35.84 14.17
CA LEU A 354 3.85 35.82 13.96
C LEU A 354 4.63 36.06 15.25
N ARG A 355 4.01 36.71 16.25
CA ARG A 355 4.68 36.84 17.54
C ARG A 355 4.87 35.48 18.19
N MET A 356 3.80 34.70 18.28
CA MET A 356 3.83 33.47 19.07
C MET A 356 4.47 32.31 18.31
N LEU A 357 4.39 32.30 16.98
CA LEU A 357 5.16 31.32 16.22
C LEU A 357 6.66 31.52 16.43
N GLN A 358 7.08 32.78 16.62
CA GLN A 358 8.46 33.07 16.98
C GLN A 358 8.73 32.81 18.46
N GLN A 359 7.73 33.06 19.32
CA GLN A 359 7.84 32.81 20.75
C GLN A 359 7.65 31.34 21.10
N LYS A 360 7.67 30.44 20.11
CA LYS A 360 7.56 28.99 20.29
C LYS A 360 6.23 28.58 20.92
N ARG A 361 5.24 29.46 20.96
CA ARG A 361 3.93 29.16 21.56
C ARG A 361 3.00 28.72 20.44
N TRP A 362 3.11 27.44 20.08
CA TRP A 362 2.40 26.93 18.91
C TRP A 362 0.90 26.90 19.14
N ASP A 363 0.47 26.51 20.34
CA ASP A 363 -0.96 26.35 20.60
C ASP A 363 -1.70 27.67 20.52
N GLU A 364 -1.11 28.74 21.03
CA GLU A 364 -1.75 30.05 20.96
C GLU A 364 -1.79 30.58 19.54
N ALA A 365 -0.74 30.32 18.76
CA ALA A 365 -0.72 30.75 17.36
C ALA A 365 -1.76 30.00 16.54
N ALA A 366 -2.06 28.75 16.89
CA ALA A 366 -3.04 27.98 16.14
C ALA A 366 -4.44 28.56 16.27
N VAL A 367 -4.75 29.16 17.42
CA VAL A 367 -6.08 29.75 17.60
C VAL A 367 -6.20 31.05 16.82
N ASN A 368 -5.15 31.87 16.82
CA ASN A 368 -5.21 33.13 16.08
C ASN A 368 -5.22 32.88 14.57
N LEU A 369 -4.50 31.86 14.11
CA LEU A 369 -4.55 31.51 12.70
C LEU A 369 -5.95 31.03 12.30
N ALA A 370 -6.68 30.42 13.22
CA ALA A 370 -8.05 30.02 12.93
C ALA A 370 -8.96 31.23 12.81
N LYS A 371 -8.72 32.25 13.63
CA LYS A 371 -9.47 33.52 13.55
C LYS A 371 -8.86 34.36 12.45
N SER A 372 -9.24 34.04 11.21
CA SER A 372 -8.70 34.74 10.05
C SER A 372 -9.60 34.48 8.85
N ARG A 373 -9.52 35.39 7.87
CA ARG A 373 -10.20 35.17 6.60
C ARG A 373 -9.63 33.97 5.86
N TRP A 374 -8.33 33.71 6.05
CA TRP A 374 -7.69 32.58 5.39
C TRP A 374 -8.32 31.24 5.82
N TYR A 375 -8.70 31.13 7.10
CA TYR A 375 -9.39 29.93 7.54
C TYR A 375 -10.79 29.84 6.95
N ASN A 376 -11.50 30.96 6.91
CA ASN A 376 -12.84 30.97 6.34
C ASN A 376 -12.82 30.67 4.84
N GLN A 377 -11.78 31.15 4.15
CA GLN A 377 -11.72 30.97 2.69
C GLN A 377 -11.50 29.52 2.32
N THR A 378 -10.38 28.93 2.74
CA THR A 378 -10.04 27.54 2.44
C THR A 378 -9.75 26.83 3.75
N PRO A 379 -10.77 26.26 4.39
CA PRO A 379 -10.55 25.68 5.73
C PRO A 379 -9.78 24.36 5.71
N ASN A 380 -10.00 23.51 4.70
CA ASN A 380 -9.32 22.22 4.68
C ASN A 380 -7.81 22.39 4.52
N ARG A 381 -7.38 23.34 3.69
CA ARG A 381 -5.96 23.60 3.57
C ARG A 381 -5.42 24.30 4.81
N ALA A 382 -6.14 25.30 5.32
CA ALA A 382 -5.70 26.00 6.52
C ALA A 382 -5.64 25.06 7.71
N LYS A 383 -6.55 24.09 7.79
CA LYS A 383 -6.52 23.11 8.87
C LYS A 383 -5.21 22.32 8.86
N ARG A 384 -4.80 21.86 7.68
CA ARG A 384 -3.56 21.10 7.59
C ARG A 384 -2.35 21.95 7.93
N VAL A 385 -2.36 23.22 7.53
CA VAL A 385 -1.23 24.10 7.82
C VAL A 385 -1.19 24.44 9.31
N ILE A 386 -2.34 24.75 9.90
CA ILE A 386 -2.39 25.09 11.32
C ILE A 386 -1.94 23.90 12.17
N THR A 387 -2.41 22.70 11.84
CA THR A 387 -1.96 21.51 12.56
C THR A 387 -0.44 21.33 12.45
N THR A 388 0.11 21.60 11.26
CA THR A 388 1.56 21.53 11.10
C THR A 388 2.28 22.52 12.01
N PHE A 389 1.78 23.76 12.07
CA PHE A 389 2.34 24.74 12.98
C PHE A 389 2.18 24.31 14.44
N ARG A 390 1.07 23.64 14.76
CA ARG A 390 0.76 23.33 16.15
C ARG A 390 1.54 22.12 16.65
N THR A 391 1.56 21.04 15.87
CA THR A 391 2.18 19.79 16.28
C THR A 391 3.62 19.63 15.79
N GLY A 392 4.02 20.40 14.77
CA GLY A 392 5.38 20.32 14.25
C GLY A 392 5.65 19.01 13.53
N THR A 393 4.58 18.28 13.23
CA THR A 393 4.68 16.99 12.55
C THR A 393 3.87 17.03 11.25
N TRP A 394 3.93 15.92 10.52
CA TRP A 394 3.21 15.77 9.26
C TRP A 394 1.92 14.98 9.44
N ASP A 395 1.32 15.04 10.62
CA ASP A 395 0.12 14.23 10.89
C ASP A 395 -1.03 14.62 9.98
N ALA A 396 -1.08 15.88 9.54
CA ALA A 396 -2.18 16.34 8.70
C ALA A 396 -2.04 15.89 7.24
N TYR A 397 -0.85 15.45 6.84
CA TYR A 397 -0.59 15.04 5.46
C TYR A 397 -0.32 13.54 5.36
N LYS A 398 -0.68 12.77 6.38
CA LYS A 398 -0.50 11.33 6.34
C LYS A 398 -1.35 10.72 5.24
N PHE A 399 -0.69 9.99 4.33
CA PHE A 399 -1.36 9.28 3.24
C PHE A 399 -2.21 10.21 2.39
N CYS A 400 -1.79 11.47 2.26
CA CYS A 400 -2.47 12.40 1.38
C CYS A 400 -1.87 12.37 -0.03
N LEU A 401 -0.55 12.22 -0.14
CA LEU A 401 0.08 12.07 -1.44
C LEU A 401 -0.34 10.75 -2.07
N LYS A 402 -0.41 10.75 -3.41
CA LYS A 402 -0.88 9.56 -4.11
C LYS A 402 0.06 8.38 -3.88
N GLU A 403 1.37 8.60 -3.93
CA GLU A 403 2.31 7.50 -3.67
C GLU A 403 2.16 6.98 -2.25
N HIS A 404 1.88 7.88 -1.30
CA HIS A 404 1.65 7.44 0.08
C HIS A 404 0.31 6.71 0.21
N LYS A 405 -0.66 7.05 -0.62
CA LYS A 405 -1.88 6.25 -0.68
C LYS A 405 -1.57 4.86 -1.23
N ALA A 406 -0.72 4.79 -2.25
CA ALA A 406 -0.34 3.50 -2.82
C ALA A 406 0.39 2.63 -1.79
N LEU A 407 1.20 3.24 -0.93
CA LEU A 407 1.90 2.49 0.10
C LEU A 407 0.95 2.01 1.19
N LYS A 408 -0.14 2.75 1.45
CA LYS A 408 -1.09 2.33 2.47
C LYS A 408 -1.84 1.06 2.04
N THR A 409 -2.23 1.00 0.76
CA THR A 409 -2.94 -0.19 0.28
C THR A 409 -2.05 -1.42 0.35
N LEU A 410 -0.76 -1.26 0.02
CA LEU A 410 0.18 -2.37 0.20
C LEU A 410 0.29 -2.76 1.67
N GLY A 411 0.14 -1.80 2.57
CA GLY A 411 0.12 -2.13 3.99
C GLY A 411 -1.11 -2.90 4.39
N ILE A 412 -2.25 -2.63 3.75
CA ILE A 412 -3.47 -3.35 4.06
C ILE A 412 -3.41 -4.77 3.53
N ILE A 413 -2.76 -4.98 2.37
CA ILE A 413 -2.55 -6.33 1.85
C ILE A 413 -1.71 -7.14 2.82
N MET A 414 -0.66 -6.53 3.38
CA MET A 414 0.20 -7.24 4.30
C MET A 414 -0.45 -7.40 5.67
N GLY A 415 -1.16 -6.37 6.13
CA GLY A 415 -1.82 -6.47 7.43
C GLY A 415 -2.96 -7.49 7.43
N THR A 416 -3.77 -7.50 6.38
CA THR A 416 -4.87 -8.46 6.31
C THR A 416 -4.35 -9.88 6.17
N PHE A 417 -3.31 -10.08 5.36
CA PHE A 417 -2.69 -11.40 5.25
C PHE A 417 -2.19 -11.87 6.61
N THR A 418 -1.66 -10.96 7.42
CA THR A 418 -1.18 -11.33 8.75
C THR A 418 -2.34 -11.74 9.65
N LEU A 419 -3.41 -10.95 9.67
CA LEU A 419 -4.54 -11.24 10.55
C LEU A 419 -5.24 -12.54 10.17
N CYS A 420 -5.19 -12.92 8.89
CA CYS A 420 -5.92 -14.10 8.45
C CYS A 420 -5.15 -15.39 8.73
N TRP A 421 -3.82 -15.35 8.70
CA TRP A 421 -3.02 -16.56 8.87
C TRP A 421 -2.34 -16.67 10.23
N LEU A 422 -2.12 -15.56 10.93
CA LEU A 422 -1.42 -15.62 12.21
C LEU A 422 -2.12 -16.46 13.26
N PRO A 423 -3.45 -16.38 13.45
CA PRO A 423 -4.08 -17.29 14.42
C PRO A 423 -3.86 -18.75 14.09
N PHE A 424 -3.87 -19.11 12.80
CA PHE A 424 -3.64 -20.49 12.40
C PHE A 424 -2.23 -20.93 12.77
N PHE A 425 -1.23 -20.10 12.45
CA PHE A 425 0.16 -20.50 12.70
C PHE A 425 0.53 -20.40 14.18
N ILE A 426 -0.11 -19.50 14.92
CA ILE A 426 0.12 -19.46 16.36
C ILE A 426 -0.41 -20.74 17.02
N VAL A 427 -1.58 -21.20 16.56
CA VAL A 427 -2.15 -22.44 17.07
C VAL A 427 -1.28 -23.63 16.69
N ASN A 428 -0.60 -23.56 15.55
CA ASN A 428 0.35 -24.61 15.18
C ASN A 428 1.42 -24.79 16.25
N ILE A 429 2.00 -23.68 16.72
CA ILE A 429 3.06 -23.76 17.72
C ILE A 429 2.50 -24.18 19.07
N VAL A 430 1.36 -23.61 19.46
CA VAL A 430 0.76 -23.97 20.75
C VAL A 430 0.33 -25.43 20.76
N HIS A 431 -0.11 -25.95 19.62
CA HIS A 431 -0.48 -27.36 19.54
C HIS A 431 0.73 -28.27 19.75
N VAL A 432 1.90 -27.84 19.30
CA VAL A 432 3.10 -28.65 19.48
C VAL A 432 3.51 -28.70 20.95
N ILE A 433 3.42 -27.57 21.65
CA ILE A 433 3.79 -27.52 23.06
C ILE A 433 2.82 -28.36 23.89
N GLN A 434 1.53 -28.06 23.79
CA GLN A 434 0.48 -28.79 24.51
C GLN A 434 -0.44 -29.42 23.49
N ASP A 435 -0.37 -30.76 23.38
CA ASP A 435 -1.01 -31.45 22.26
C ASP A 435 -2.53 -31.54 22.42
N ASN A 436 -3.02 -31.62 23.65
CA ASN A 436 -4.44 -31.88 23.87
C ASN A 436 -5.32 -30.64 23.77
N LEU A 437 -4.73 -29.46 23.59
CA LEU A 437 -5.48 -28.22 23.79
C LEU A 437 -6.33 -27.84 22.59
N ILE A 438 -5.87 -28.09 21.37
CA ILE A 438 -6.50 -27.56 20.16
C ILE A 438 -7.23 -28.70 19.45
N ARG A 439 -8.53 -28.50 19.21
CA ARG A 439 -9.34 -29.44 18.48
C ARG A 439 -9.34 -29.11 16.99
N LYS A 440 -9.67 -30.12 16.17
CA LYS A 440 -9.59 -29.95 14.72
C LYS A 440 -10.71 -29.06 14.17
N GLU A 441 -11.83 -28.93 14.88
CA GLU A 441 -12.85 -27.97 14.45
C GLU A 441 -12.31 -26.55 14.51
N VAL A 442 -11.53 -26.24 15.55
CA VAL A 442 -10.86 -24.94 15.60
C VAL A 442 -9.76 -24.87 14.56
N TYR A 443 -9.09 -25.99 14.28
CA TYR A 443 -8.01 -26.00 13.31
C TYR A 443 -8.52 -25.73 11.90
N ILE A 444 -9.62 -26.36 11.52
CA ILE A 444 -10.17 -26.15 10.19
C ILE A 444 -10.74 -24.75 10.06
N LEU A 445 -11.34 -24.22 11.14
CA LEU A 445 -11.90 -22.88 11.11
C LEU A 445 -10.82 -21.83 10.87
N LEU A 446 -9.71 -21.93 11.60
CA LEU A 446 -8.62 -20.97 11.43
C LEU A 446 -7.93 -21.13 10.08
N ASN A 447 -7.87 -22.37 9.57
CA ASN A 447 -7.29 -22.59 8.25
C ASN A 447 -8.12 -21.91 7.17
N TRP A 448 -9.45 -21.92 7.33
CA TRP A 448 -10.32 -21.31 6.33
C TRP A 448 -10.38 -19.80 6.46
N ILE A 449 -10.02 -19.24 7.61
CA ILE A 449 -9.84 -17.79 7.70
C ILE A 449 -8.66 -17.37 6.83
N GLY A 450 -7.62 -18.21 6.77
CA GLY A 450 -6.55 -17.95 5.82
C GLY A 450 -6.92 -18.28 4.40
N TYR A 451 -7.89 -19.18 4.21
CA TYR A 451 -8.32 -19.54 2.86
C TYR A 451 -9.06 -18.38 2.19
N VAL A 452 -9.96 -17.72 2.93
CA VAL A 452 -10.72 -16.60 2.36
C VAL A 452 -9.85 -15.37 2.14
N ASN A 453 -8.61 -15.36 2.64
CA ASN A 453 -7.70 -14.26 2.37
C ASN A 453 -7.33 -14.16 0.89
N SER A 454 -7.43 -15.26 0.15
CA SER A 454 -7.08 -15.24 -1.27
C SER A 454 -8.05 -14.40 -2.10
N GLY A 455 -9.24 -14.13 -1.57
CA GLY A 455 -10.21 -13.32 -2.30
C GLY A 455 -10.22 -11.86 -1.85
N PHE A 456 -9.49 -11.54 -0.78
CA PHE A 456 -9.49 -10.18 -0.27
C PHE A 456 -8.60 -9.26 -1.08
N ASN A 457 -7.53 -9.78 -1.66
CA ASN A 457 -6.60 -8.94 -2.42
C ASN A 457 -7.28 -8.16 -3.53
N PRO A 458 -8.09 -8.76 -4.42
CA PRO A 458 -8.74 -7.95 -5.47
C PRO A 458 -9.68 -6.90 -4.92
N LEU A 459 -10.34 -7.17 -3.79
CA LEU A 459 -11.21 -6.17 -3.18
C LEU A 459 -10.42 -4.99 -2.64
N ILE A 460 -9.25 -5.27 -2.05
CA ILE A 460 -8.43 -4.20 -1.50
C ILE A 460 -7.82 -3.36 -2.62
N TYR A 461 -7.53 -3.97 -3.77
CA TYR A 461 -6.96 -3.24 -4.88
C TYR A 461 -7.93 -2.21 -5.45
N CYS A 462 -9.22 -2.31 -5.14
CA CYS A 462 -10.19 -1.31 -5.58
C CYS A 462 -9.96 0.05 -4.93
N ARG A 463 -9.12 0.12 -3.89
CA ARG A 463 -8.72 1.42 -3.35
C ARG A 463 -7.89 2.22 -4.36
N SER A 464 -7.33 1.56 -5.37
CA SER A 464 -6.52 2.24 -6.37
C SER A 464 -7.42 2.73 -7.50
N PRO A 465 -7.39 4.02 -7.83
CA PRO A 465 -8.13 4.49 -9.02
C PRO A 465 -7.59 3.91 -10.32
N ASP A 466 -6.35 3.40 -10.31
CA ASP A 466 -5.75 2.88 -11.53
C ASP A 466 -6.25 1.47 -11.86
N PHE A 467 -6.33 0.59 -10.86
CA PHE A 467 -6.98 -0.69 -11.07
C PHE A 467 -8.49 -0.52 -11.25
N ARG A 468 -9.07 0.47 -10.56
CA ARG A 468 -10.52 0.69 -10.67
C ARG A 468 -10.91 1.03 -12.10
N ILE A 469 -10.18 1.94 -12.74
CA ILE A 469 -10.40 2.20 -14.16
C ILE A 469 -10.08 0.97 -14.99
N ALA A 470 -9.09 0.18 -14.56
CA ALA A 470 -8.67 -0.97 -15.34
C ALA A 470 -9.74 -2.04 -15.40
N PHE A 471 -10.35 -2.38 -14.25
CA PHE A 471 -11.37 -3.42 -14.28
C PHE A 471 -12.70 -2.90 -14.83
N GLN A 472 -12.94 -1.59 -14.76
CA GLN A 472 -14.12 -1.04 -15.42
C GLN A 472 -14.05 -1.24 -16.92
N GLU A 473 -12.87 -1.08 -17.51
CA GLU A 473 -12.68 -1.36 -18.93
C GLU A 473 -12.84 -2.85 -19.22
N LEU A 474 -12.26 -3.71 -18.37
CA LEU A 474 -12.32 -5.15 -18.62
C LEU A 474 -13.73 -5.69 -18.46
N LEU A 475 -14.45 -5.25 -17.43
CA LEU A 475 -15.82 -5.69 -17.21
C LEU A 475 -16.83 -4.97 -18.10
N CYS A 476 -16.38 -3.99 -18.88
CA CYS A 476 -17.22 -3.27 -19.84
C CYS A 476 -18.39 -2.59 -19.13
N LEU A 477 -18.06 -1.67 -18.22
CA LEU A 477 -19.05 -0.95 -17.45
C LEU A 477 -19.24 0.47 -17.97
C10 EPE B . 6.63 2.08 -9.06
S EPE B . 8.01 0.90 -9.39
O1S EPE B . 9.28 1.53 -9.83
O2S EPE B . 7.65 -0.08 -10.43
O3S EPE B . 8.30 0.12 -8.19
C10 EPE C . -8.07 6.56 2.44
S EPE C . -6.73 7.45 3.29
O1S EPE C . -5.39 6.91 3.05
O2S EPE C . -6.62 8.86 2.93
O3S EPE C . -6.85 7.45 4.76
C1 CLR D . -0.18 -14.58 -15.72
C2 CLR D . 0.20 -13.35 -16.54
C3 CLR D . 1.71 -13.31 -16.77
C4 CLR D . 2.25 -14.60 -17.42
C5 CLR D . 1.73 -15.85 -16.71
C6 CLR D . 2.59 -16.84 -16.44
C7 CLR D . 2.21 -18.12 -15.73
C8 CLR D . 0.71 -18.36 -15.70
C9 CLR D . -0.02 -17.08 -15.33
C10 CLR D . 0.26 -15.92 -16.32
C11 CLR D . -1.53 -17.32 -15.09
C12 CLR D . -1.79 -18.48 -14.14
C13 CLR D . -1.12 -19.76 -14.61
C14 CLR D . 0.37 -19.49 -14.72
C15 CLR D . 0.95 -20.88 -15.01
C16 CLR D . 0.05 -21.82 -14.20
C17 CLR D . -1.14 -20.98 -13.67
C18 CLR D . -1.73 -20.16 -15.97
C19 CLR D . -0.47 -16.13 -17.66
C20 CLR D . -2.48 -21.76 -13.50
C21 CLR D . -3.52 -20.90 -12.78
C22 CLR D . -2.34 -23.08 -12.75
C23 CLR D . -3.61 -23.94 -12.71
C24 CLR D . -3.66 -24.83 -11.46
C25 CLR D . -2.64 -25.97 -11.48
C26 CLR D . -1.25 -25.51 -11.08
C27 CLR D . -3.07 -27.12 -10.58
O1 CLR D . 2.10 -12.14 -17.52
C1 CLR E . 4.13 -14.35 -12.44
C2 CLR E . 4.30 -13.14 -13.34
C3 CLR E . 5.78 -12.75 -13.49
C4 CLR E . 6.72 -13.92 -13.85
C5 CLR E . 6.36 -15.25 -13.20
C6 CLR E . 7.36 -16.13 -12.89
C7 CLR E . 7.15 -17.49 -12.26
C8 CLR E . 5.69 -17.94 -12.33
C9 CLR E . 4.81 -16.76 -11.90
C10 CLR E . 4.91 -15.60 -12.92
C11 CLR E . 3.34 -17.15 -11.60
C12 CLR E . 3.15 -18.46 -10.85
C13 CLR E . 3.96 -19.59 -11.45
C14 CLR E . 5.42 -19.16 -11.45
C15 CLR E . 6.19 -20.44 -11.78
C16 CLR E . 5.33 -21.55 -11.15
C17 CLR E . 4.00 -20.93 -10.72
C18 CLR E . 3.48 -19.84 -12.87
C19 CLR E . 4.42 -15.98 -14.28
C20 CLR E . 2.81 -21.92 -10.88
C21 CLR E . 1.45 -21.29 -10.60
C22 CLR E . 3.04 -23.16 -10.01
C23 CLR E . 1.78 -23.96 -9.64
C24 CLR E . 2.15 -25.17 -8.78
C25 CLR E . 1.74 -26.52 -9.36
C26 CLR E . 2.77 -27.59 -8.97
C27 CLR E . 0.36 -26.95 -8.85
O1 CLR E . 5.85 -11.67 -14.47
N 8VS F . -0.88 0.35 -9.54
CA 8VS F . -0.98 1.69 -10.08
C 8VS F . -0.28 1.78 -11.43
O 8VS F . 0.41 0.85 -11.83
CB 8VS F . -0.36 2.68 -9.12
CG 8VS F . -1.27 2.86 -7.86
CD1 8VS F . -2.13 3.97 -7.75
CD2 8VS F . -1.23 1.91 -6.83
CE1 8VS F . -2.96 4.13 -6.61
CE2 8VS F . -2.06 2.07 -5.69
CZ 8VS F . -2.91 3.17 -5.59
CAA 8VS F . -3.08 -1.01 -4.98
CAB 8VS F . -2.00 -1.44 -4.23
CAC 8VS F . -0.86 -1.98 -4.87
CAD 8VS F . -0.83 -2.10 -6.25
CAE 8VS F . -1.90 -1.69 -7.01
CAF 8VS F . -3.04 -1.12 -6.36
CAG 8VS F . -1.80 -1.81 -8.55
CAH 8VS F . -2.58 -2.98 -9.20
CAI 8VS F . -2.07 -0.43 -9.13
CAJ 8VS F . -3.82 -3.45 -8.45
CAK 8VS F . -4.28 -4.80 -9.01
CAL 8VS F . -4.45 -4.81 -10.50
CAM 8VS F . -3.42 -3.99 -11.29
CAN 8VS F . -3.02 -2.67 -10.60
CBB 8VS F . -3.82 3.34 -4.34
CBE 8VS F . 0.23 3.05 -13.54
CBF 8VS F . 1.65 3.46 -13.28
CBH 8VS F . 4.03 3.73 -14.05
CBJ 8VS F . -0.40 4.10 -14.46
CBK 8VS F . -1.91 3.99 -14.62
CBL 8VS F . -2.73 4.96 -14.09
CBM 8VS F . -4.12 4.88 -14.23
CBN 8VS F . -4.68 3.82 -14.93
CBO 8VS F . -3.86 2.84 -15.48
CBP 8VS F . -2.49 2.92 -15.33
NAS 8VS F . -0.44 2.98 -12.25
NBC 8VS F . -4.38 4.63 -4.02
NBG 8VS F . 2.65 3.32 -14.31
OAQ 8VS F . -3.17 0.04 -9.22
OBD 8VS F . -4.04 2.38 -3.61
OBI 8VS F . 1.96 3.92 -12.20
BR1 8VS F . -4.62 1.37 -16.45
O17 CAU G . -3.46 -24.03 4.66
C16 CAU G . -2.53 -24.64 5.54
C18 CAU G . -2.47 -26.14 5.32
N19 CAU G . -3.81 -26.74 5.15
C20 CAU G . -4.08 -28.10 5.58
C21 CAU G . -3.13 -29.05 4.86
C22 CAU G . -5.56 -28.43 5.32
C15 CAU G . -1.17 -24.03 5.30
O14 CAU G . -0.23 -24.67 6.14
C13 CAU G . 1.10 -24.38 6.16
C12 CAU G . 1.66 -23.46 5.27
C11 CAU G . 3.02 -23.16 5.29
C10 CAU G . 3.86 -23.77 6.21
C8 CAU G . 3.37 -24.67 7.10
C9 CAU G . 1.95 -24.98 7.08
N7 CAU G . 3.94 -25.42 8.11
C3 CAU G . 2.98 -26.19 8.72
C4 CAU G . 1.71 -25.89 8.05
C2 CAU G . 2.97 -27.09 9.76
C1 CAU G . 1.77 -27.70 10.13
C6 CAU G . 0.58 -27.41 9.48
C5 CAU G . 0.53 -26.51 8.43
C1 BU1 H . 2.87 9.34 5.18
C2 BU1 H . 2.23 8.28 6.07
C3 BU1 H . 3.21 7.77 7.14
C4 BU1 H . 2.51 7.01 8.28
O5 BU1 H . 1.93 9.72 4.21
O6 BU1 H . 3.45 6.79 9.28
C1 ACM I . -6.19 13.24 3.41
O ACM I . -7.34 13.53 3.44
N ACM I . -5.79 11.84 3.39
C2 ACM I . -5.12 14.32 3.38
#